data_8CCF
#
_entry.id   8CCF
#
_cell.length_a   47.295
_cell.length_b   48.302
_cell.length_c   57.238
_cell.angle_alpha   90.000
_cell.angle_beta   90.000
_cell.angle_gamma   90.000
#
_symmetry.space_group_name_H-M   'P 21 21 21'
#
loop_
_entity.id
_entity.type
_entity.pdbx_description
1 polymer 'Peptidyl-prolyl cis-trans isomerase FKBP5'
2 non-polymer '2-[3-[(1~{R})-1-[(2~{S})-1-[(2~{S})-2-(5-chloranylthiophen-2-yl)pent-4-enoyl]piperidin-2-yl]carbonyloxy-3-(3,4-dimethoxyphenyl)propyl]phenoxy]ethanoic acid'
3 water water
#
_entity_poly.entity_id   1
_entity_poly.type   'polypeptide(L)'
_entity_poly.pdbx_seq_one_letter_code
;GAPATVTEQGEDITSKKDRGVLKIVKRVGNGEETPMIGDKVYVHYKGKLSNGKKFDSSHDRNEPFVFSLGKGQVIKAWDI
GVATMKKGEIAHLLIKPEYAYGSAGSLPKIPSNATLFFEIELLDFKGE
;
_entity_poly.pdbx_strand_id   A
#
loop_
_chem_comp.id
_chem_comp.type
_chem_comp.name
_chem_comp.formula
UC0 non-polymer '2-[3-[(1~{R})-1-[(2~{S})-1-[(2~{S})-2-(5-chloranylthiophen-2-yl)pent-4-enoyl]piperidin-2-yl]carbonyloxy-3-(3,4-dimethoxyphenyl)propyl]phenoxy]ethanoic acid' 'C34 H38 Cl N O8 S'
#
# COMPACT_ATOMS: atom_id res chain seq x y z
N GLY A 1 4.61 -5.74 16.96
CA GLY A 1 4.96 -4.89 15.81
C GLY A 1 3.75 -4.76 14.91
N ALA A 2 3.62 -3.57 14.29
CA ALA A 2 2.52 -3.30 13.38
C ALA A 2 2.51 -4.36 12.28
N PRO A 3 3.68 -4.71 11.68
CA PRO A 3 3.78 -5.85 10.76
C PRO A 3 3.24 -7.17 11.34
N ALA A 4 3.59 -7.48 12.59
CA ALA A 4 3.18 -8.75 13.21
C ALA A 4 1.65 -8.85 13.29
N THR A 5 1.00 -7.75 13.65
CA THR A 5 -0.44 -7.68 13.71
C THR A 5 -1.06 -7.94 12.34
N VAL A 6 -0.40 -7.48 11.27
CA VAL A 6 -0.96 -7.65 9.95
C VAL A 6 -0.88 -9.13 9.53
N THR A 7 0.23 -9.78 9.86
CA THR A 7 0.42 -11.21 9.65
C THR A 7 -0.68 -12.01 10.32
N GLU A 8 -0.92 -11.70 11.61
CA GLU A 8 -1.81 -12.52 12.42
C GLU A 8 -3.25 -12.23 12.07
N GLN A 9 -3.57 -11.00 11.68
CA GLN A 9 -4.96 -10.58 11.72
C GLN A 9 -5.35 -9.88 10.44
N GLY A 10 -4.36 -9.57 9.58
CA GLY A 10 -4.60 -9.01 8.27
C GLY A 10 -5.45 -9.92 7.36
N GLU A 11 -6.28 -9.27 6.53
CA GLU A 11 -7.05 -9.93 5.49
C GLU A 11 -6.22 -10.03 4.21
N ASP A 12 -6.29 -11.19 3.57
CA ASP A 12 -5.67 -11.50 2.29
C ASP A 12 -6.56 -10.89 1.20
N ILE A 13 -6.16 -9.75 0.66
CA ILE A 13 -6.98 -9.11 -0.36
C ILE A 13 -6.50 -9.48 -1.76
N THR A 14 -5.62 -10.49 -1.92
CA THR A 14 -5.25 -10.99 -3.23
C THR A 14 -6.37 -11.84 -3.83
N SER A 15 -6.42 -11.89 -5.17
CA SER A 15 -7.44 -12.64 -5.90
C SER A 15 -7.09 -14.11 -5.82
N LYS A 16 -5.79 -14.39 -5.88
CA LYS A 16 -5.33 -15.77 -5.78
C LYS A 16 -5.37 -16.28 -4.35
N LYS A 17 -5.55 -15.43 -3.33
CA LYS A 17 -5.53 -15.90 -1.96
C LYS A 17 -4.17 -16.54 -1.64
N ASP A 18 -3.08 -15.87 -1.98
CA ASP A 18 -1.75 -16.38 -1.69
C ASP A 18 -1.08 -15.57 -0.55
N ARG A 19 -1.84 -14.74 0.18
CA ARG A 19 -1.32 -13.94 1.28
C ARG A 19 -0.19 -12.97 0.84
N GLY A 20 -0.13 -12.64 -0.45
CA GLY A 20 0.87 -11.73 -1.00
C GLY A 20 0.63 -10.27 -0.62
N VAL A 21 -0.63 -9.93 -0.29
CA VAL A 21 -0.96 -8.61 0.21
C VAL A 21 -1.96 -8.78 1.37
N LEU A 22 -1.55 -8.39 2.58
CA LEU A 22 -2.41 -8.49 3.75
C LEU A 22 -2.73 -7.09 4.23
N LYS A 23 -3.91 -6.89 4.79
CA LYS A 23 -4.37 -5.55 5.09
C LYS A 23 -5.07 -5.52 6.44
N ILE A 24 -4.77 -4.47 7.22
CA ILE A 24 -5.58 -4.08 8.37
C ILE A 24 -6.00 -2.63 8.22
N VAL A 25 -7.29 -2.37 8.50
CA VAL A 25 -7.79 -1.02 8.60
C VAL A 25 -7.44 -0.47 9.97
N LYS A 26 -6.65 0.61 10.00
CA LYS A 26 -6.21 1.17 11.27
C LYS A 26 -7.15 2.29 11.67
N ARG A 27 -7.69 3.05 10.71
CA ARG A 27 -8.70 4.07 10.99
C ARG A 27 -9.72 4.03 9.86
N VAL A 28 -11.00 3.98 10.23
CA VAL A 28 -12.07 3.85 9.29
C VAL A 28 -12.23 5.20 8.59
N GLY A 29 -12.36 5.16 7.26
CA GLY A 29 -12.67 6.31 6.44
C GLY A 29 -14.17 6.57 6.45
N ASN A 30 -14.62 7.45 5.55
CA ASN A 30 -16.00 7.90 5.53
C ASN A 30 -16.78 7.22 4.41
N GLY A 31 -18.08 7.01 4.65
CA GLY A 31 -19.01 6.48 3.66
C GLY A 31 -18.65 5.06 3.18
N GLU A 32 -19.10 4.75 1.96
CA GLU A 32 -18.86 3.45 1.37
C GLU A 32 -17.92 3.54 0.16
N GLU A 33 -17.83 4.70 -0.53
CA GLU A 33 -17.22 4.77 -1.84
C GLU A 33 -15.72 4.43 -1.70
N THR A 34 -15.23 3.55 -2.58
CA THR A 34 -13.79 3.35 -2.73
C THR A 34 -13.45 3.56 -4.20
N PRO A 35 -12.21 3.91 -4.58
CA PRO A 35 -11.93 4.28 -5.98
C PRO A 35 -11.97 3.13 -7.02
N MET A 36 -12.35 3.51 -8.24
CA MET A 36 -12.46 2.67 -9.41
C MET A 36 -11.14 2.71 -10.16
N ILE A 37 -10.91 1.72 -11.02
CA ILE A 37 -9.80 1.79 -11.97
C ILE A 37 -9.87 3.10 -12.78
N GLY A 38 -8.73 3.79 -12.87
CA GLY A 38 -8.61 5.06 -13.58
C GLY A 38 -8.81 6.30 -12.71
N ASP A 39 -9.23 6.12 -11.46
CA ASP A 39 -9.45 7.27 -10.59
C ASP A 39 -8.08 7.87 -10.24
N LYS A 40 -8.05 9.18 -10.05
CA LYS A 40 -6.87 9.81 -9.49
C LYS A 40 -6.93 9.69 -7.96
N VAL A 41 -5.89 9.09 -7.35
CA VAL A 41 -5.87 8.96 -5.89
C VAL A 41 -4.77 9.81 -5.25
N TYR A 42 -5.08 10.33 -4.07
CA TYR A 42 -4.19 11.17 -3.28
C TYR A 42 -3.96 10.50 -1.92
N VAL A 43 -2.69 10.18 -1.60
CA VAL A 43 -2.38 9.52 -0.33
C VAL A 43 -1.22 10.23 0.38
N HIS A 44 -1.17 10.02 1.71
CA HIS A 44 0.10 10.05 2.43
C HIS A 44 0.52 8.62 2.76
N TYR A 45 1.83 8.34 2.79
CA TYR A 45 2.29 7.03 3.18
C TYR A 45 3.67 7.10 3.83
N LYS A 46 3.98 6.02 4.53
CA LYS A 46 5.36 5.68 4.85
C LYS A 46 5.49 4.17 4.77
N GLY A 47 6.73 3.71 4.64
CA GLY A 47 7.02 2.35 4.21
C GLY A 47 8.42 1.94 4.68
N LYS A 48 8.60 0.62 4.83
CA LYS A 48 9.87 0.05 5.24
C LYS A 48 9.92 -1.42 4.85
N LEU A 49 11.14 -1.98 4.89
CA LEU A 49 11.32 -3.43 4.77
C LEU A 49 10.70 -4.12 6.00
N SER A 50 10.19 -5.34 5.80
CA SER A 50 9.78 -6.18 6.91
C SER A 50 10.81 -6.13 8.03
N ASN A 51 12.10 -6.09 7.69
CA ASN A 51 13.15 -5.80 8.68
C ASN A 51 12.97 -4.38 9.21
N GLY A 52 12.85 -3.43 8.28
CA GLY A 52 12.85 -2.00 8.57
C GLY A 52 14.23 -1.41 8.33
N LYS A 53 15.15 -2.22 7.79
CA LYS A 53 16.54 -1.83 7.62
C LYS A 53 16.63 -0.66 6.63
N LYS A 54 15.56 -0.45 5.85
CA LYS A 54 15.35 0.75 5.05
C LYS A 54 13.95 1.28 5.37
N PHE A 55 13.77 2.59 5.18
CA PHE A 55 12.57 3.29 5.59
C PHE A 55 12.43 4.60 4.82
N ASP A 56 11.23 4.87 4.30
CA ASP A 56 10.98 6.10 3.56
C ASP A 56 9.54 6.53 3.73
N SER A 57 9.34 7.85 3.74
CA SER A 57 8.08 8.51 4.06
C SER A 57 7.85 9.68 3.11
N SER A 58 6.64 9.73 2.52
N SER A 58 6.66 9.80 2.51
CA SER A 58 6.20 10.77 1.61
CA SER A 58 6.41 10.86 1.54
C SER A 58 6.23 12.12 2.31
C SER A 58 6.04 12.17 2.24
N HIS A 59 5.69 12.14 3.53
CA HIS A 59 5.34 13.36 4.25
C HIS A 59 6.37 14.47 4.03
N ASP A 60 7.67 14.13 3.90
CA ASP A 60 8.78 15.08 3.74
C ASP A 60 8.48 16.14 2.69
N ARG A 61 7.73 15.77 1.63
CA ARG A 61 6.97 16.72 0.83
C ARG A 61 5.53 16.75 1.38
N ASN A 62 5.19 17.85 2.08
CA ASN A 62 3.91 17.98 2.77
C ASN A 62 2.76 17.85 1.76
N GLU A 63 3.09 17.89 0.46
CA GLU A 63 2.17 17.58 -0.62
C GLU A 63 1.86 16.08 -0.65
N PRO A 64 0.64 15.66 -1.10
CA PRO A 64 0.30 14.24 -1.21
C PRO A 64 1.02 13.47 -2.32
N PHE A 65 1.07 12.16 -2.18
CA PHE A 65 1.48 11.27 -3.25
C PHE A 65 0.27 10.98 -4.15
N VAL A 66 0.46 11.14 -5.47
CA VAL A 66 -0.63 11.16 -6.42
C VAL A 66 -0.38 10.10 -7.49
N PHE A 67 -1.43 9.32 -7.82
CA PHE A 67 -1.31 8.42 -8.96
C PHE A 67 -2.69 8.01 -9.46
N SER A 68 -2.67 7.45 -10.67
CA SER A 68 -3.87 6.93 -11.31
C SER A 68 -3.99 5.46 -10.98
N LEU A 69 -5.12 5.12 -10.34
CA LEU A 69 -5.32 3.79 -9.79
C LEU A 69 -5.57 2.78 -10.91
N GLY A 70 -4.92 1.64 -10.77
CA GLY A 70 -5.26 0.52 -11.63
C GLY A 70 -4.57 0.61 -12.98
N LYS A 71 -3.61 1.53 -13.13
CA LYS A 71 -2.99 1.73 -14.44
C LYS A 71 -1.53 1.27 -14.43
N GLY A 72 -1.05 0.62 -13.37
CA GLY A 72 0.33 0.12 -13.36
C GLY A 72 1.39 1.19 -13.07
N GLN A 73 0.98 2.33 -12.48
CA GLN A 73 1.89 3.43 -12.16
C GLN A 73 2.67 3.13 -10.88
N VAL A 74 2.13 2.20 -10.07
CA VAL A 74 2.75 1.72 -8.84
C VAL A 74 2.82 0.19 -8.82
N ILE A 75 3.53 -0.34 -7.82
CA ILE A 75 3.59 -1.76 -7.58
C ILE A 75 2.17 -2.33 -7.40
N LYS A 76 2.06 -3.59 -7.73
CA LYS A 76 0.79 -4.30 -7.87
C LYS A 76 0.00 -4.26 -6.57
N ALA A 77 0.70 -4.42 -5.44
CA ALA A 77 0.08 -4.38 -4.12
C ALA A 77 -0.66 -3.08 -3.85
N TRP A 78 -0.15 -1.97 -4.38
CA TRP A 78 -0.83 -0.69 -4.20
C TRP A 78 -2.09 -0.59 -5.05
N ASP A 79 -2.06 -1.04 -6.32
CA ASP A 79 -3.25 -1.04 -7.17
C ASP A 79 -4.35 -1.89 -6.54
N ILE A 80 -3.95 -2.99 -5.90
CA ILE A 80 -4.86 -3.89 -5.21
C ILE A 80 -5.31 -3.22 -3.90
N GLY A 81 -4.33 -2.72 -3.13
CA GLY A 81 -4.63 -2.31 -1.77
C GLY A 81 -5.42 -1.00 -1.68
N VAL A 82 -4.96 0.01 -2.44
CA VAL A 82 -5.55 1.34 -2.37
C VAL A 82 -6.95 1.31 -2.95
N ALA A 83 -7.22 0.39 -3.90
CA ALA A 83 -8.56 0.15 -4.43
C ALA A 83 -9.60 -0.19 -3.36
N THR A 84 -9.20 -0.80 -2.24
CA THR A 84 -10.09 -1.22 -1.16
C THR A 84 -10.31 -0.13 -0.11
N MET A 85 -9.69 1.04 -0.30
CA MET A 85 -9.67 2.04 0.76
C MET A 85 -10.74 3.10 0.52
N LYS A 86 -11.33 3.59 1.62
CA LYS A 86 -12.27 4.68 1.67
C LYS A 86 -11.57 6.02 1.96
N LYS A 87 -12.24 7.13 1.63
CA LYS A 87 -11.74 8.48 1.87
C LYS A 87 -11.50 8.64 3.37
N GLY A 88 -10.27 9.04 3.73
CA GLY A 88 -9.86 9.28 5.10
C GLY A 88 -9.33 8.03 5.81
N GLU A 89 -9.31 6.89 5.13
CA GLU A 89 -8.97 5.66 5.82
C GLU A 89 -7.45 5.55 5.96
N ILE A 90 -6.99 4.90 7.03
CA ILE A 90 -5.57 4.61 7.18
C ILE A 90 -5.48 3.10 7.27
N ALA A 91 -4.63 2.48 6.43
CA ALA A 91 -4.46 1.03 6.46
C ALA A 91 -2.98 0.65 6.57
N HIS A 92 -2.74 -0.55 7.10
CA HIS A 92 -1.43 -1.18 7.01
C HIS A 92 -1.49 -2.32 6.00
N LEU A 93 -0.45 -2.38 5.15
CA LEU A 93 -0.26 -3.44 4.16
C LEU A 93 1.06 -4.15 4.43
N LEU A 94 1.03 -5.47 4.40
CA LEU A 94 2.24 -6.28 4.34
C LEU A 94 2.26 -7.04 3.01
N ILE A 95 3.42 -7.01 2.32
CA ILE A 95 3.47 -7.30 0.89
C ILE A 95 4.64 -8.22 0.62
N LYS A 96 4.34 -9.42 0.05
CA LYS A 96 5.37 -10.36 -0.38
C LYS A 96 6.02 -9.87 -1.66
N PRO A 97 7.30 -10.21 -1.96
CA PRO A 97 7.99 -9.60 -3.09
C PRO A 97 7.23 -9.63 -4.41
N GLU A 98 6.44 -10.71 -4.62
CA GLU A 98 5.80 -11.00 -5.90
C GLU A 98 4.79 -9.91 -6.22
N TYR A 99 4.37 -9.14 -5.21
CA TYR A 99 3.42 -8.06 -5.44
C TYR A 99 4.12 -6.73 -5.29
N ALA A 100 5.45 -6.75 -5.21
CA ALA A 100 6.22 -5.52 -5.13
C ALA A 100 7.31 -5.56 -6.20
N TYR A 101 8.56 -5.83 -5.80
CA TYR A 101 9.72 -5.74 -6.68
C TYR A 101 10.22 -7.13 -7.07
N GLY A 102 9.68 -8.19 -6.45
CA GLY A 102 10.10 -9.53 -6.77
C GLY A 102 11.57 -9.77 -6.45
N SER A 103 12.13 -10.79 -7.10
CA SER A 103 13.54 -11.18 -6.92
C SER A 103 14.47 -10.19 -7.63
N ALA A 104 13.94 -9.39 -8.55
CA ALA A 104 14.71 -8.33 -9.16
C ALA A 104 15.18 -7.37 -8.06
N GLY A 105 14.31 -7.08 -7.11
CA GLY A 105 14.55 -6.04 -6.13
C GLY A 105 14.60 -4.67 -6.81
N SER A 106 15.10 -3.69 -6.08
CA SER A 106 15.36 -2.36 -6.62
C SER A 106 16.55 -1.76 -5.89
N LEU A 107 17.70 -2.39 -6.08
CA LEU A 107 18.92 -2.04 -5.36
C LEU A 107 19.29 -0.58 -5.63
N PRO A 108 20.04 0.07 -4.71
CA PRO A 108 20.41 -0.55 -3.43
C PRO A 108 19.35 -0.41 -2.32
N LYS A 109 18.24 0.32 -2.56
CA LYS A 109 17.23 0.49 -1.54
C LYS A 109 16.61 -0.87 -1.20
N ILE A 110 16.00 -1.54 -2.20
CA ILE A 110 15.18 -2.71 -1.99
C ILE A 110 15.94 -3.95 -2.47
N PRO A 111 16.31 -4.90 -1.59
CA PRO A 111 16.88 -6.17 -2.03
C PRO A 111 15.90 -7.12 -2.70
N SER A 112 16.49 -8.10 -3.39
CA SER A 112 15.81 -9.24 -3.97
C SER A 112 14.92 -9.94 -2.94
N ASN A 113 13.66 -10.16 -3.33
CA ASN A 113 12.69 -10.98 -2.60
C ASN A 113 12.36 -10.32 -1.27
N ALA A 114 12.18 -9.02 -1.30
CA ALA A 114 11.98 -8.27 -0.09
C ALA A 114 10.49 -8.25 0.20
N THR A 115 10.13 -8.37 1.48
CA THR A 115 8.78 -8.09 1.95
C THR A 115 8.73 -6.63 2.35
N LEU A 116 7.65 -5.95 1.97
CA LEU A 116 7.48 -4.53 2.27
C LEU A 116 6.29 -4.30 3.21
N PHE A 117 6.34 -3.19 3.97
CA PHE A 117 5.27 -2.82 4.87
C PHE A 117 4.96 -1.36 4.61
N PHE A 118 3.68 -1.00 4.56
CA PHE A 118 3.28 0.38 4.35
C PHE A 118 2.12 0.73 5.27
N GLU A 119 2.17 1.99 5.73
CA GLU A 119 1.04 2.71 6.27
C GLU A 119 0.61 3.73 5.21
N ILE A 120 -0.63 3.58 4.75
CA ILE A 120 -1.19 4.42 3.70
C ILE A 120 -2.41 5.13 4.28
N GLU A 121 -2.54 6.43 4.01
CA GLU A 121 -3.73 7.21 4.27
C GLU A 121 -4.27 7.68 2.92
N LEU A 122 -5.54 7.37 2.66
CA LEU A 122 -6.18 7.80 1.42
C LEU A 122 -6.83 9.17 1.68
N LEU A 123 -6.33 10.22 1.04
CA LEU A 123 -6.83 11.55 1.32
C LEU A 123 -8.08 11.85 0.50
N ASP A 124 -8.15 11.34 -0.73
CA ASP A 124 -9.19 11.71 -1.68
C ASP A 124 -8.95 10.91 -2.95
N PHE A 125 -9.97 10.88 -3.81
CA PHE A 125 -9.84 10.34 -5.15
C PHE A 125 -10.87 11.01 -6.06
N LYS A 126 -10.52 11.16 -7.35
CA LYS A 126 -11.33 11.87 -8.34
C LYS A 126 -11.33 11.07 -9.64
N GLY A 127 -12.43 11.19 -10.39
CA GLY A 127 -12.70 10.35 -11.54
C GLY A 127 -11.77 10.66 -12.71
N GLU A 128 -11.54 9.64 -13.55
CA GLU A 128 -10.78 9.77 -14.78
C GLU A 128 -11.26 11.03 -15.53
CAT UC0 B . 8.50 -2.97 -9.85
OAS UC0 B . 7.22 -2.55 -10.39
CAL UC0 B . 6.93 -1.22 -10.45
CAM UC0 B . 7.76 -0.17 -10.05
CAK UC0 B . 5.71 -0.90 -11.00
OAQ UC0 B . 4.97 -1.98 -11.35
CAR UC0 B . 3.79 -1.76 -12.20
CAP UC0 B . 5.32 0.44 -11.11
CAO UC0 B . 6.15 1.48 -10.70
CAN UC0 B . 7.40 1.19 -10.19
CAU UC0 B . 8.29 2.26 -9.78
CAV UC0 B . 8.43 2.45 -8.23
CAW UC0 B . 7.09 2.94 -7.61
CAX UC0 B . 6.90 4.37 -7.65
CAZ UC0 B . 5.76 4.87 -8.26
CBD UC0 B . 7.76 5.23 -7.01
CBC UC0 B . 7.53 6.60 -7.00
CBB UC0 B . 6.41 7.10 -7.66
CBA UC0 B . 5.50 6.23 -8.27
OBE UC0 B . 4.36 6.65 -8.94
CBF UC0 B . 4.04 8.10 -9.00
CBG UC0 B . 4.99 8.84 -9.87
OBI UC0 B . 5.01 10.10 -9.81
OBH UC0 B . 5.67 8.13 -10.64
OAY UC0 B . 7.08 2.50 -6.22
C UC0 B . 5.86 2.14 -5.69
O UC0 B . 4.91 1.77 -6.36
CA UC0 B . 5.79 2.05 -4.25
CB UC0 B . 4.47 2.34 -3.83
CBN UC0 B . 4.18 3.82 -3.94
CBO UC0 B . 5.07 4.62 -3.11
CBP UC0 B . 6.45 4.37 -3.46
N UC0 B . 6.71 2.90 -3.50
CAC UC0 B . 7.83 2.32 -3.00
OAE UC0 B . 8.12 1.12 -3.10
CAB UC0 B . 8.76 3.22 -2.16
CAA UC0 B . 9.96 3.64 -3.06
CBR UC0 B . 11.25 4.03 -2.32
CBS UC0 B . 11.78 5.46 -2.45
CAD UC0 B . 9.20 2.50 -0.85
SAF UC0 B . 9.76 0.92 -0.70
CAG UC0 B . 10.07 1.09 0.89
CLAJ UC0 B . 10.70 -0.21 1.85
CAH UC0 B . 9.72 2.32 1.32
CAI UC0 B . 9.23 3.11 0.35
HAV UC0 B . 8.57 -4.05 -9.88
HAW UC0 B . 8.60 -2.61 -8.82
HAU UC0 B . 9.31 -2.54 -10.46
HAM UC0 B . 8.75 -0.40 -9.65
HAR UC0 B . 3.56 -2.69 -12.73
HAS UC0 B . 3.97 -0.98 -12.93
HAT UC0 B . 2.93 -1.49 -11.58
HAP UC0 B . 4.34 0.69 -11.53
HAO UC0 B . 5.84 2.51 -10.81
HAY UC0 B . 9.27 2.07 -10.19
HAX UC0 B . 7.92 3.19 -10.20
HA0 UC0 B . 8.70 1.50 -7.78
HAZ UC0 B . 9.22 3.18 -8.04
HA1 UC0 B . 6.28 2.46 -8.15
HA2 UC0 B . 5.07 4.21 -8.75
HBD UC0 B . 8.65 4.84 -6.51
HBC UC0 B . 8.24 7.27 -6.52
HBB UC0 B . 6.25 8.17 -7.64
HBF UC0 B . 4.05 8.52 -8.00
HBG UC0 B . 3.04 8.21 -9.42
HA3 UC0 B . 5.97 1.01 -3.98
HB2 UC0 B . 4.27 2.12 -2.84
HB1 UC0 B . 3.72 1.96 -4.45
HBN UC0 B . 3.16 4.00 -3.61
HB3 UC0 B . 4.28 4.15 -4.98
HBO UC0 B . 4.91 4.36 -2.05
HB4 UC0 B . 4.84 5.68 -3.25
HB5 UC0 B . 6.63 4.78 -4.47
HBP UC0 B . 7.09 4.89 -2.77
HAC UC0 B . 8.25 4.11 -1.84
HAA UC0 B . 9.64 4.48 -3.67
HAB UC0 B . 10.19 2.81 -3.72
HBR UC0 B . 11.79 3.29 -1.74
HBS UC0 B . 11.21 6.16 -3.04
HB6 UC0 B . 12.70 5.71 -1.91
HAH UC0 B . 9.81 2.63 2.36
HAI UC0 B . 8.93 4.15 0.52
#